data_6Y93
#
_entry.id   6Y93
#
_cell.length_a   134.139
_cell.length_b   60.567
_cell.length_c   81.053
_cell.angle_alpha   90.000
_cell.angle_beta   116.880
_cell.angle_gamma   90.000
#
_symmetry.space_group_name_H-M   'C 1 2 1'
#
loop_
_entity.id
_entity.type
_entity.pdbx_description
1 polymer 'Nucleoid occlusion protein'
2 polymer 'Noc Binding Site (NBS)'
#
loop_
_entity_poly.entity_id
_entity_poly.type
_entity_poly.pdbx_seq_one_letter_code
_entity_poly.pdbx_strand_id
1 'polypeptide(L)'
;MTETASVALIENLQREELSSIEEAHAYARLLELHDLTQEALAQRLGKGQSTIANKLRLLKLPQPVQEAIMEKKITERHAR
ALIPLKQPELQVTLLTEIIEKSLNVKQTEDRVVKMLEQGQRKPKPRRKAFSRDKLAAALEHHHHHH
;
A,B
2 'polydeoxyribonucleotide'
;(DG)(DG)(DA)(DT)(DA)(DT)(DT)(DT)(DC)(DC)(DC)(DG)(DG)(DG)(DA)(DA)(DA)(DT)(DA)(DT)
(DC)(DC)
;
C,D
#
loop_
_chem_comp.id
_chem_comp.type
_chem_comp.name
_chem_comp.formula
DA DNA linking 2'-DEOXYADENOSINE-5'-MONOPHOSPHATE 'C10 H14 N5 O6 P'
DC DNA linking 2'-DEOXYCYTIDINE-5'-MONOPHOSPHATE 'C9 H14 N3 O7 P'
DG DNA linking 2'-DEOXYGUANOSINE-5'-MONOPHOSPHATE 'C10 H14 N5 O7 P'
DT DNA linking THYMIDINE-5'-MONOPHOSPHATE 'C10 H15 N2 O8 P'
#
# COMPACT_ATOMS: atom_id res chain seq x y z
N GLU A 17 3.45 9.65 -9.75
CA GLU A 17 2.86 8.28 -9.85
C GLU A 17 2.16 8.13 -11.21
N LEU A 18 2.23 6.93 -11.80
CA LEU A 18 1.78 6.66 -13.18
C LEU A 18 1.12 5.28 -13.26
N SER A 19 0.43 4.99 -14.38
CA SER A 19 -0.28 3.72 -14.64
C SER A 19 0.73 2.60 -14.92
N SER A 20 0.45 1.39 -14.42
CA SER A 20 1.27 0.16 -14.60
C SER A 20 1.62 -0.02 -16.07
N ILE A 21 0.63 0.17 -16.96
CA ILE A 21 0.78 0.12 -18.44
C ILE A 21 1.83 1.16 -18.88
N GLU A 22 1.73 2.38 -18.36
CA GLU A 22 2.59 3.53 -18.73
C GLU A 22 3.99 3.32 -18.14
N GLU A 23 4.05 2.75 -16.92
CA GLU A 23 5.32 2.36 -16.24
C GLU A 23 6.02 1.29 -17.07
N ALA A 24 5.26 0.34 -17.61
CA ALA A 24 5.75 -0.78 -18.47
C ALA A 24 6.29 -0.21 -19.78
N HIS A 25 5.49 0.63 -20.46
CA HIS A 25 5.87 1.33 -21.72
C HIS A 25 7.18 2.10 -21.52
N ALA A 26 7.37 2.68 -20.33
CA ALA A 26 8.60 3.42 -19.94
C ALA A 26 9.78 2.45 -19.87
N TYR A 27 9.69 1.44 -19.00
CA TYR A 27 10.74 0.41 -18.77
C TYR A 27 11.27 -0.09 -20.13
N ALA A 28 10.34 -0.51 -21.00
CA ALA A 28 10.60 -1.04 -22.37
C ALA A 28 11.62 -0.15 -23.09
N ARG A 29 11.30 1.15 -23.20
CA ARG A 29 12.15 2.18 -23.86
C ARG A 29 13.55 2.15 -23.23
N LEU A 30 13.62 2.34 -21.90
CA LEU A 30 14.88 2.43 -21.13
C LEU A 30 15.78 1.22 -21.43
N LEU A 31 15.18 0.03 -21.54
CA LEU A 31 15.91 -1.24 -21.80
C LEU A 31 16.39 -1.29 -23.26
N GLU A 32 15.73 -0.56 -24.17
CA GLU A 32 16.14 -0.43 -25.59
C GLU A 32 17.24 0.64 -25.72
N LEU A 33 17.18 1.69 -24.90
CA LEU A 33 17.96 2.94 -25.13
C LEU A 33 19.30 2.89 -24.39
N HIS A 34 19.32 2.30 -23.19
CA HIS A 34 20.50 2.26 -22.27
C HIS A 34 21.14 0.88 -22.24
N ASP A 35 20.63 -0.09 -23.01
CA ASP A 35 21.20 -1.45 -23.15
C ASP A 35 21.46 -2.01 -21.74
N LEU A 36 20.40 -2.21 -20.97
CA LEU A 36 20.44 -2.70 -19.57
C LEU A 36 19.82 -4.10 -19.50
N THR A 37 20.19 -4.88 -18.48
CA THR A 37 19.47 -6.12 -18.07
C THR A 37 18.33 -5.72 -17.13
N GLN A 38 17.19 -6.41 -17.21
CA GLN A 38 15.99 -6.18 -16.35
C GLN A 38 16.44 -6.05 -14.89
N GLU A 39 17.35 -6.93 -14.46
CA GLU A 39 17.96 -6.95 -13.10
C GLU A 39 18.60 -5.58 -12.79
N ALA A 40 19.41 -5.07 -13.72
CA ALA A 40 20.22 -3.83 -13.56
C ALA A 40 19.29 -2.61 -13.50
N LEU A 41 18.23 -2.60 -14.31
CA LEU A 41 17.19 -1.54 -14.32
C LEU A 41 16.47 -1.54 -12.96
N ALA A 42 15.98 -2.71 -12.53
CA ALA A 42 15.29 -2.93 -11.23
C ALA A 42 16.19 -2.44 -10.09
N GLN A 43 17.47 -2.82 -10.12
CA GLN A 43 18.50 -2.39 -9.14
C GLN A 43 18.65 -0.86 -9.20
N ARG A 44 18.63 -0.29 -10.41
CA ARG A 44 18.72 1.18 -10.65
C ARG A 44 17.45 1.87 -10.15
N LEU A 45 16.28 1.25 -10.33
CA LEU A 45 14.95 1.80 -9.95
C LEU A 45 14.66 1.54 -8.46
N GLY A 46 15.26 0.49 -7.88
CA GLY A 46 15.03 0.06 -6.49
C GLY A 46 13.90 -0.94 -6.38
N LYS A 47 13.77 -1.80 -7.39
CA LYS A 47 12.73 -2.87 -7.51
C LYS A 47 13.43 -4.21 -7.69
N GLY A 48 12.67 -5.26 -8.02
CA GLY A 48 13.18 -6.57 -8.47
C GLY A 48 12.84 -6.83 -9.93
N GLN A 49 13.68 -7.61 -10.63
CA GLN A 49 13.44 -8.04 -12.04
C GLN A 49 12.03 -8.62 -12.14
N SER A 50 11.66 -9.47 -11.18
CA SER A 50 10.29 -10.01 -10.96
C SER A 50 9.25 -8.94 -11.31
N THR A 51 9.28 -7.81 -10.60
CA THR A 51 8.32 -6.66 -10.73
C THR A 51 8.28 -6.18 -12.18
N ILE A 52 9.44 -5.93 -12.78
CA ILE A 52 9.60 -5.31 -14.13
C ILE A 52 8.99 -6.25 -15.16
N ALA A 53 9.47 -7.49 -15.22
CA ALA A 53 9.00 -8.56 -16.15
C ALA A 53 7.48 -8.64 -16.11
N ASN A 54 6.90 -8.76 -14.91
CA ASN A 54 5.44 -8.89 -14.66
C ASN A 54 4.69 -7.69 -15.26
N LYS A 55 5.26 -6.49 -15.15
CA LYS A 55 4.64 -5.23 -15.67
C LYS A 55 4.73 -5.21 -17.20
N LEU A 56 5.81 -5.73 -17.78
CA LEU A 56 6.03 -5.79 -19.26
C LEU A 56 5.03 -6.77 -19.89
N ARG A 57 4.61 -7.80 -19.14
CA ARG A 57 3.65 -8.84 -19.61
C ARG A 57 2.29 -8.19 -19.90
N LEU A 58 1.99 -7.06 -19.24
CA LEU A 58 0.69 -6.33 -19.34
C LEU A 58 0.56 -5.71 -20.73
N LEU A 59 1.69 -5.44 -21.41
CA LEU A 59 1.73 -4.80 -22.76
C LEU A 59 1.24 -5.80 -23.82
N LYS A 60 1.03 -7.07 -23.44
CA LYS A 60 0.56 -8.15 -24.34
C LYS A 60 -0.94 -8.39 -24.14
N LEU A 61 -1.53 -7.85 -23.05
CA LEU A 61 -2.99 -7.98 -22.74
C LEU A 61 -3.80 -7.18 -23.75
N PRO A 62 -5.10 -7.51 -23.95
CA PRO A 62 -5.96 -6.76 -24.87
C PRO A 62 -6.00 -5.26 -24.56
N GLN A 63 -6.04 -4.42 -25.58
CA GLN A 63 -6.08 -2.94 -25.46
C GLN A 63 -7.21 -2.52 -24.53
N PRO A 64 -8.42 -3.10 -24.63
CA PRO A 64 -9.52 -2.78 -23.71
C PRO A 64 -9.12 -2.92 -22.22
N VAL A 65 -8.41 -4.00 -21.88
CA VAL A 65 -7.86 -4.25 -20.52
C VAL A 65 -6.86 -3.13 -20.18
N GLN A 66 -5.91 -2.88 -21.09
CA GLN A 66 -4.82 -1.89 -20.93
C GLN A 66 -5.42 -0.50 -20.65
N GLU A 67 -6.50 -0.14 -21.35
CA GLU A 67 -7.21 1.17 -21.21
C GLU A 67 -7.84 1.26 -19.82
N ALA A 68 -8.36 0.15 -19.28
CA ALA A 68 -8.97 0.06 -17.94
C ALA A 68 -7.90 0.30 -16.85
N ILE A 69 -6.66 -0.13 -17.10
CA ILE A 69 -5.50 0.06 -16.17
C ILE A 69 -5.17 1.55 -16.13
N MET A 70 -5.04 2.18 -17.30
CA MET A 70 -4.72 3.63 -17.46
C MET A 70 -5.81 4.49 -16.80
N GLU A 71 -7.07 4.11 -16.98
CA GLU A 71 -8.25 4.84 -16.46
C GLU A 71 -8.46 4.51 -14.97
N LYS A 72 -7.63 3.62 -14.41
CA LYS A 72 -7.57 3.29 -12.96
C LYS A 72 -8.89 2.60 -12.53
N LYS A 73 -9.49 1.83 -13.43
CA LYS A 73 -10.77 1.09 -13.20
C LYS A 73 -10.43 -0.31 -12.68
N ILE A 74 -9.28 -0.86 -13.08
CA ILE A 74 -8.74 -2.17 -12.58
C ILE A 74 -7.31 -1.94 -12.08
N THR A 75 -6.84 -2.82 -11.19
CA THR A 75 -5.48 -2.80 -10.61
C THR A 75 -4.54 -3.60 -11.51
N GLU A 76 -3.23 -3.53 -11.25
CA GLU A 76 -2.18 -4.29 -12.00
C GLU A 76 -2.50 -5.78 -11.87
N ARG A 77 -2.60 -6.25 -10.62
CA ARG A 77 -2.80 -7.66 -10.23
C ARG A 77 -4.14 -8.19 -10.76
N HIS A 78 -5.11 -7.30 -10.99
CA HIS A 78 -6.41 -7.59 -11.66
C HIS A 78 -6.13 -8.03 -13.10
N ALA A 79 -5.41 -7.18 -13.85
CA ALA A 79 -5.02 -7.41 -15.27
C ALA A 79 -4.10 -8.63 -15.38
N ARG A 80 -3.11 -8.74 -14.48
CA ARG A 80 -2.14 -9.86 -14.43
C ARG A 80 -2.87 -11.19 -14.26
N ALA A 81 -3.97 -11.21 -13.50
CA ALA A 81 -4.78 -12.41 -13.21
C ALA A 81 -5.48 -12.89 -14.49
N LEU A 82 -5.72 -11.99 -15.44
CA LEU A 82 -6.44 -12.29 -16.72
C LEU A 82 -5.52 -13.09 -17.66
N ILE A 83 -4.20 -12.87 -17.59
CA ILE A 83 -3.19 -13.44 -18.53
C ILE A 83 -3.36 -14.96 -18.64
N PRO A 84 -3.38 -15.71 -17.52
CA PRO A 84 -3.67 -17.15 -17.54
C PRO A 84 -4.76 -17.58 -18.54
N LEU A 85 -5.85 -16.81 -18.65
CA LEU A 85 -6.89 -16.97 -19.71
C LEU A 85 -6.29 -16.50 -21.04
N LYS A 86 -5.61 -17.40 -21.76
CA LYS A 86 -4.73 -17.04 -22.91
C LYS A 86 -5.56 -16.38 -24.03
N GLN A 87 -6.87 -16.63 -24.08
CA GLN A 87 -7.79 -16.08 -25.12
C GLN A 87 -8.22 -14.66 -24.73
N PRO A 88 -7.97 -13.64 -25.60
CA PRO A 88 -8.44 -12.28 -25.37
C PRO A 88 -9.95 -12.16 -25.05
N GLU A 89 -10.79 -12.96 -25.71
CA GLU A 89 -12.26 -12.95 -25.54
C GLU A 89 -12.61 -13.20 -24.06
N LEU A 90 -12.02 -14.22 -23.46
CA LEU A 90 -12.27 -14.64 -22.04
C LEU A 90 -11.76 -13.57 -21.07
N GLN A 91 -10.68 -12.87 -21.43
CA GLN A 91 -10.06 -11.81 -20.60
C GLN A 91 -10.99 -10.60 -20.53
N VAL A 92 -11.56 -10.20 -21.66
CA VAL A 92 -12.42 -8.98 -21.80
C VAL A 92 -13.81 -9.26 -21.21
N THR A 93 -14.30 -10.50 -21.31
CA THR A 93 -15.60 -10.93 -20.72
C THR A 93 -15.55 -10.78 -19.20
N LEU A 94 -14.46 -11.26 -18.58
CA LEU A 94 -14.24 -11.19 -17.11
C LEU A 94 -13.97 -9.73 -16.70
N LEU A 95 -13.15 -9.01 -17.48
CA LEU A 95 -12.83 -7.56 -17.27
C LEU A 95 -14.11 -6.81 -16.88
N THR A 96 -15.17 -6.95 -17.68
CA THR A 96 -16.46 -6.22 -17.52
C THR A 96 -17.19 -6.73 -16.28
N GLU A 97 -17.08 -8.03 -15.97
CA GLU A 97 -17.66 -8.66 -14.75
C GLU A 97 -16.96 -8.06 -13.51
N ILE A 98 -15.63 -7.97 -13.52
CA ILE A 98 -14.81 -7.39 -12.42
C ILE A 98 -15.29 -5.96 -12.17
N ILE A 99 -15.53 -5.20 -13.24
CA ILE A 99 -16.06 -3.80 -13.18
C ILE A 99 -17.49 -3.83 -12.65
N GLU A 100 -18.39 -4.56 -13.31
CA GLU A 100 -19.84 -4.66 -12.98
C GLU A 100 -20.00 -5.05 -11.51
N LYS A 101 -19.44 -6.20 -11.12
CA LYS A 101 -19.59 -6.80 -9.76
C LYS A 101 -18.65 -6.10 -8.76
N SER A 102 -17.67 -5.34 -9.25
CA SER A 102 -16.63 -4.64 -8.43
C SER A 102 -15.81 -5.69 -7.66
N LEU A 103 -15.32 -6.72 -8.36
CA LEU A 103 -14.60 -7.87 -7.77
C LEU A 103 -13.20 -7.43 -7.33
N ASN A 104 -12.68 -8.06 -6.27
CA ASN A 104 -11.29 -7.90 -5.79
C ASN A 104 -10.39 -8.87 -6.59
N VAL A 105 -9.08 -8.82 -6.34
CA VAL A 105 -8.05 -9.63 -7.05
C VAL A 105 -8.21 -11.11 -6.63
N LYS A 106 -8.36 -11.36 -5.33
CA LYS A 106 -8.47 -12.71 -4.72
C LYS A 106 -9.57 -13.51 -5.45
N GLN A 107 -10.77 -12.93 -5.58
CA GLN A 107 -11.96 -13.60 -6.18
C GLN A 107 -11.90 -13.52 -7.71
N THR A 108 -11.09 -12.62 -8.26
CA THR A 108 -10.78 -12.55 -9.72
C THR A 108 -9.92 -13.76 -10.10
N GLU A 109 -8.89 -14.05 -9.31
CA GLU A 109 -7.98 -15.22 -9.47
C GLU A 109 -8.79 -16.51 -9.37
N ASP A 110 -9.72 -16.58 -8.40
CA ASP A 110 -10.63 -17.73 -8.18
C ASP A 110 -11.46 -17.94 -9.43
N ARG A 111 -12.11 -16.88 -9.92
CA ARG A 111 -12.98 -16.88 -11.12
C ARG A 111 -12.21 -17.48 -12.30
N VAL A 112 -10.95 -17.06 -12.48
CA VAL A 112 -10.04 -17.49 -13.59
C VAL A 112 -9.96 -19.02 -13.61
N VAL A 113 -9.57 -19.63 -12.49
CA VAL A 113 -9.29 -21.10 -12.37
C VAL A 113 -10.56 -21.88 -12.75
N LYS A 114 -11.74 -21.38 -12.36
CA LYS A 114 -13.06 -22.02 -12.60
C LYS A 114 -13.35 -22.05 -14.11
N MET A 115 -12.96 -20.98 -14.83
CA MET A 115 -13.18 -20.83 -16.29
C MET A 115 -12.25 -21.78 -17.06
N LEU A 116 -11.02 -21.97 -16.56
CA LEU A 116 -10.00 -22.89 -17.16
C LEU A 116 -10.48 -24.34 -16.97
N GLU A 117 -11.13 -24.65 -15.85
CA GLU A 117 -11.75 -25.97 -15.56
C GLU A 117 -12.91 -26.22 -16.53
N GLN A 118 -13.80 -25.23 -16.68
CA GLN A 118 -14.97 -25.27 -17.61
C GLN A 118 -14.48 -25.50 -19.04
N GLY A 119 -13.39 -24.82 -19.42
CA GLY A 119 -12.76 -24.92 -20.76
C GLY A 119 -12.17 -26.29 -21.02
N GLN A 120 -11.66 -26.97 -19.97
CA GLN A 120 -10.98 -28.29 -20.06
C GLN A 120 -12.00 -29.44 -20.07
N ARG A 121 -13.29 -29.13 -19.90
CA ARG A 121 -14.40 -30.12 -19.97
C ARG A 121 -14.73 -30.40 -21.45
N THR B 4 -4.74 29.62 6.28
CA THR B 4 -5.17 29.57 4.84
C THR B 4 -3.99 29.12 3.97
N ALA B 5 -2.82 29.75 4.15
CA ALA B 5 -1.57 29.45 3.43
C ALA B 5 -0.93 28.17 4.00
N SER B 6 -0.84 28.09 5.33
CA SER B 6 -0.30 26.93 6.10
C SER B 6 -1.09 25.65 5.76
N VAL B 7 -2.37 25.79 5.41
CA VAL B 7 -3.29 24.69 5.01
C VAL B 7 -2.73 23.98 3.78
N ALA B 8 -2.52 24.74 2.69
CA ALA B 8 -2.01 24.28 1.38
C ALA B 8 -0.64 23.61 1.57
N LEU B 9 0.18 24.15 2.48
CA LEU B 9 1.51 23.61 2.86
C LEU B 9 1.36 22.16 3.33
N ILE B 10 0.56 21.96 4.40
CA ILE B 10 0.35 20.64 5.07
C ILE B 10 -0.32 19.68 4.08
N GLU B 11 -1.34 20.15 3.36
CA GLU B 11 -2.05 19.41 2.28
C GLU B 11 -1.01 18.83 1.31
N ASN B 12 0.06 19.58 1.03
CA ASN B 12 1.20 19.18 0.16
C ASN B 12 2.17 18.27 0.92
N LEU B 13 2.44 18.57 2.20
CA LEU B 13 3.26 17.72 3.11
C LEU B 13 2.55 16.39 3.35
N GLN B 14 1.21 16.38 3.22
CA GLN B 14 0.35 15.18 3.31
C GLN B 14 0.38 14.44 1.97
N ARG B 15 0.18 15.18 0.87
CA ARG B 15 0.23 14.65 -0.53
C ARG B 15 1.60 14.01 -0.78
N GLU B 16 2.68 14.70 -0.37
CA GLU B 16 4.06 14.17 -0.37
C GLU B 16 4.25 13.23 0.83
N GLU B 17 5.24 12.34 0.78
CA GLU B 17 5.45 11.28 1.80
C GLU B 17 6.08 11.88 3.06
N LEU B 18 5.62 11.45 4.22
CA LEU B 18 6.06 11.92 5.57
C LEU B 18 5.90 10.77 6.58
N SER B 19 6.47 10.93 7.78
CA SER B 19 6.38 9.95 8.89
C SER B 19 4.98 9.96 9.51
N SER B 20 4.46 8.78 9.90
CA SER B 20 3.12 8.59 10.53
C SER B 20 2.94 9.57 11.69
N ILE B 21 3.98 9.72 12.52
CA ILE B 21 4.04 10.70 13.65
C ILE B 21 3.82 12.12 13.12
N GLU B 22 4.52 12.45 12.03
CA GLU B 22 4.50 13.82 11.43
C GLU B 22 3.17 14.03 10.69
N GLU B 23 2.62 12.97 10.09
CA GLU B 23 1.27 12.97 9.46
C GLU B 23 0.21 13.21 10.54
N ALA B 24 0.38 12.62 11.72
CA ALA B 24 -0.51 12.77 12.89
C ALA B 24 -0.43 14.22 13.41
N HIS B 25 0.79 14.71 13.64
CA HIS B 25 1.09 16.10 14.09
C HIS B 25 0.43 17.09 13.11
N ALA B 26 0.42 16.78 11.82
CA ALA B 26 -0.21 17.58 10.74
C ALA B 26 -1.72 17.61 10.93
N TYR B 27 -2.38 16.44 10.93
CA TYR B 27 -3.84 16.28 11.10
C TYR B 27 -4.33 17.15 12.27
N ALA B 28 -3.68 17.00 13.43
CA ALA B 28 -3.97 17.74 14.68
C ALA B 28 -4.13 19.23 14.37
N ARG B 29 -3.10 19.85 13.77
CA ARG B 29 -3.07 21.28 13.38
C ARG B 29 -4.29 21.60 12.51
N LEU B 30 -4.48 20.87 11.41
CA LEU B 30 -5.58 21.08 10.42
C LEU B 30 -6.94 21.11 11.13
N LEU B 31 -7.14 20.25 12.13
CA LEU B 31 -8.40 20.15 12.91
C LEU B 31 -8.53 21.33 13.89
N GLU B 32 -7.41 21.96 14.25
CA GLU B 32 -7.38 23.20 15.08
C GLU B 32 -7.60 24.44 14.21
N LEU B 33 -7.19 24.39 12.94
CA LEU B 33 -7.09 25.54 12.01
C LEU B 33 -8.45 25.82 11.33
N HIS B 34 -9.18 24.78 10.92
CA HIS B 34 -10.51 24.91 10.26
C HIS B 34 -11.64 24.49 11.22
N ASP B 35 -11.29 23.95 12.39
CA ASP B 35 -12.26 23.42 13.40
C ASP B 35 -13.32 22.59 12.68
N LEU B 36 -12.90 21.46 12.11
CA LEU B 36 -13.74 20.50 11.33
C LEU B 36 -13.74 19.15 12.06
N THR B 37 -14.62 18.24 11.64
CA THR B 37 -14.78 16.87 12.22
C THR B 37 -13.79 15.93 11.53
N GLN B 38 -13.24 14.97 12.28
CA GLN B 38 -12.29 13.93 11.77
C GLN B 38 -12.83 13.36 10.46
N GLU B 39 -14.14 13.06 10.44
CA GLU B 39 -14.89 12.53 9.26
C GLU B 39 -14.70 13.48 8.06
N ALA B 40 -14.92 14.77 8.27
CA ALA B 40 -14.93 15.83 7.22
C ALA B 40 -13.51 16.01 6.67
N LEU B 41 -12.49 15.97 7.53
CA LEU B 41 -11.06 16.05 7.14
C LEU B 41 -10.71 14.83 6.28
N ALA B 42 -11.02 13.62 6.77
CA ALA B 42 -10.80 12.33 6.07
C ALA B 42 -11.48 12.38 4.68
N GLN B 43 -12.73 12.84 4.64
CA GLN B 43 -13.52 13.01 3.39
C GLN B 43 -12.81 14.03 2.48
N ARG B 44 -12.27 15.11 3.07
CA ARG B 44 -11.51 16.17 2.35
C ARG B 44 -10.17 15.60 1.85
N LEU B 45 -9.52 14.76 2.64
CA LEU B 45 -8.19 14.16 2.34
C LEU B 45 -8.34 12.93 1.43
N GLY B 46 -9.49 12.26 1.46
CA GLY B 46 -9.77 11.02 0.70
C GLY B 46 -9.38 9.79 1.49
N LYS B 47 -9.55 9.84 2.82
CA LYS B 47 -9.26 8.74 3.77
C LYS B 47 -10.54 8.42 4.56
N GLY B 48 -10.42 7.61 5.62
CA GLY B 48 -11.49 7.36 6.61
C GLY B 48 -11.11 7.94 7.97
N GLN B 49 -12.12 8.35 8.76
CA GLN B 49 -11.93 8.83 10.15
C GLN B 49 -11.10 7.80 10.92
N SER B 50 -11.45 6.52 10.76
CA SER B 50 -10.68 5.34 11.24
C SER B 50 -9.18 5.61 11.16
N THR B 51 -8.69 5.86 9.94
CA THR B 51 -7.25 6.09 9.61
C THR B 51 -6.70 7.23 10.47
N ILE B 52 -7.39 8.37 10.50
CA ILE B 52 -6.93 9.63 11.15
C ILE B 52 -6.81 9.38 12.65
N ALA B 53 -7.89 8.94 13.30
CA ALA B 53 -7.97 8.64 14.74
C ALA B 53 -6.79 7.75 15.15
N ASN B 54 -6.59 6.64 14.42
CA ASN B 54 -5.53 5.62 14.67
C ASN B 54 -4.15 6.29 14.63
N LYS B 55 -3.93 7.23 13.71
CA LYS B 55 -2.64 7.94 13.54
C LYS B 55 -2.43 8.93 14.69
N LEU B 56 -3.52 9.57 15.17
CA LEU B 56 -3.48 10.54 16.30
C LEU B 56 -3.13 9.81 17.60
N ARG B 57 -3.50 8.53 17.72
CA ARG B 57 -3.24 7.69 18.92
C ARG B 57 -1.72 7.50 19.10
N LEU B 58 -0.95 7.62 18.02
CA LEU B 58 0.52 7.42 18.00
C LEU B 58 1.21 8.57 18.77
N LEU B 59 0.56 9.73 18.86
CA LEU B 59 1.10 10.94 19.55
C LEU B 59 1.07 10.74 21.06
N LYS B 60 0.45 9.65 21.54
CA LYS B 60 0.33 9.30 22.98
C LYS B 60 1.38 8.24 23.35
N LEU B 61 2.00 7.59 22.36
CA LEU B 61 3.04 6.55 22.56
C LEU B 61 4.32 7.19 23.10
N PRO B 62 5.20 6.42 23.78
CA PRO B 62 6.44 6.96 24.32
C PRO B 62 7.30 7.64 23.24
N GLN B 63 7.97 8.74 23.59
CA GLN B 63 8.85 9.53 22.68
C GLN B 63 9.86 8.61 22.01
N PRO B 64 10.52 7.68 22.74
CA PRO B 64 11.46 6.73 22.12
C PRO B 64 10.85 5.98 20.92
N VAL B 65 9.59 5.51 21.06
CA VAL B 65 8.82 4.82 20.00
C VAL B 65 8.60 5.82 18.84
N GLN B 66 8.11 7.02 19.17
CA GLN B 66 7.78 8.08 18.19
C GLN B 66 9.02 8.42 17.35
N GLU B 67 10.20 8.49 17.98
CA GLU B 67 11.48 8.80 17.31
C GLU B 67 11.85 7.67 16.34
N ALA B 68 11.55 6.41 16.69
CA ALA B 68 11.80 5.21 15.86
C ALA B 68 10.92 5.27 14.60
N ILE B 69 9.71 5.82 14.70
CA ILE B 69 8.75 5.98 13.57
C ILE B 69 9.33 7.01 12.58
N MET B 70 9.76 8.16 13.10
CA MET B 70 10.36 9.27 12.31
C MET B 70 11.64 8.80 11.61
N GLU B 71 12.47 8.03 12.31
CA GLU B 71 13.76 7.49 11.81
C GLU B 71 13.52 6.29 10.89
N LYS B 72 12.26 5.86 10.73
CA LYS B 72 11.83 4.80 9.78
C LYS B 72 12.43 3.45 10.19
N LYS B 73 12.60 3.22 11.50
CA LYS B 73 13.16 1.97 12.07
C LYS B 73 12.00 1.01 12.37
N ILE B 74 10.82 1.54 12.69
CA ILE B 74 9.56 0.78 12.90
C ILE B 74 8.47 1.36 12.00
N THR B 75 7.44 0.56 11.68
CA THR B 75 6.27 0.94 10.85
C THR B 75 5.20 1.55 11.78
N GLU B 76 4.15 2.14 11.20
CA GLU B 76 2.96 2.64 11.92
C GLU B 76 2.34 1.50 12.73
N ARG B 77 2.02 0.40 12.04
CA ARG B 77 1.32 -0.79 12.58
C ARG B 77 2.18 -1.47 13.66
N HIS B 78 3.50 -1.30 13.60
CA HIS B 78 4.46 -1.75 14.64
C HIS B 78 4.19 -0.97 15.93
N ALA B 79 4.17 0.35 15.85
CA ALA B 79 3.94 1.29 16.97
C ALA B 79 2.50 1.11 17.50
N ARG B 80 1.51 1.01 16.59
CA ARG B 80 0.08 0.81 16.93
C ARG B 80 -0.11 -0.46 17.74
N ALA B 81 0.67 -1.51 17.44
CA ALA B 81 0.60 -2.83 18.12
C ALA B 81 1.07 -2.71 19.58
N LEU B 82 1.91 -1.72 19.89
CA LEU B 82 2.48 -1.48 21.24
C LEU B 82 1.41 -0.91 22.19
N ILE B 83 0.45 -0.14 21.65
CA ILE B 83 -0.57 0.62 22.44
C ILE B 83 -1.28 -0.33 23.41
N PRO B 84 -1.84 -1.47 22.97
CA PRO B 84 -2.41 -2.47 23.88
C PRO B 84 -1.63 -2.67 25.20
N LEU B 85 -0.30 -2.69 25.14
CA LEU B 85 0.59 -2.69 26.33
C LEU B 85 0.53 -1.29 26.95
N LYS B 86 -0.43 -1.03 27.83
CA LYS B 86 -0.79 0.35 28.27
C LYS B 86 0.38 0.99 29.02
N GLN B 87 1.31 0.21 29.57
CA GLN B 87 2.51 0.72 30.29
C GLN B 87 3.60 1.13 29.31
N PRO B 88 4.08 2.39 29.35
CA PRO B 88 5.20 2.84 28.52
C PRO B 88 6.45 1.96 28.60
N GLU B 89 6.77 1.45 29.80
CA GLU B 89 7.97 0.63 30.07
C GLU B 89 7.94 -0.62 29.17
N LEU B 90 6.80 -1.31 29.13
CA LEU B 90 6.60 -2.56 28.36
C LEU B 90 6.65 -2.28 26.85
N GLN B 91 6.20 -1.10 26.42
CA GLN B 91 6.19 -0.66 25.01
C GLN B 91 7.62 -0.46 24.51
N VAL B 92 8.47 0.18 25.32
CA VAL B 92 9.87 0.54 24.95
C VAL B 92 10.77 -0.70 25.06
N THR B 93 10.46 -1.63 25.98
CA THR B 93 11.18 -2.93 26.15
C THR B 93 11.03 -3.74 24.86
N LEU B 94 9.81 -3.86 24.34
CA LEU B 94 9.49 -4.61 23.10
C LEU B 94 10.06 -3.87 21.89
N LEU B 95 9.90 -2.53 21.85
CA LEU B 95 10.45 -1.65 20.79
C LEU B 95 11.86 -2.09 20.41
N THR B 96 12.74 -2.23 21.41
CA THR B 96 14.18 -2.57 21.24
C THR B 96 14.33 -4.01 20.76
N GLU B 97 13.45 -4.92 21.21
CA GLU B 97 13.39 -6.34 20.75
C GLU B 97 13.02 -6.38 19.27
N ILE B 98 12.00 -5.62 18.87
CA ILE B 98 11.52 -5.52 17.45
C ILE B 98 12.70 -5.06 16.59
N ILE B 99 13.47 -4.09 17.06
CA ILE B 99 14.69 -3.55 16.39
C ILE B 99 15.77 -4.65 16.36
N GLU B 100 16.16 -5.15 17.55
CA GLU B 100 17.23 -6.16 17.73
C GLU B 100 16.95 -7.38 16.85
N LYS B 101 15.79 -8.01 17.01
CA LYS B 101 15.40 -9.27 16.33
C LYS B 101 14.90 -8.98 14.90
N SER B 102 14.61 -7.70 14.59
CA SER B 102 14.07 -7.25 13.29
C SER B 102 12.72 -7.91 13.02
N LEU B 103 11.81 -7.84 14.01
CA LEU B 103 10.49 -8.52 14.00
C LEU B 103 9.56 -7.80 13.02
N ASN B 104 8.64 -8.56 12.40
CA ASN B 104 7.53 -8.03 11.56
C ASN B 104 6.36 -7.67 12.48
N VAL B 105 5.28 -7.11 11.91
CA VAL B 105 4.08 -6.64 12.66
C VAL B 105 3.31 -7.86 13.19
N LYS B 106 3.12 -8.89 12.36
CA LYS B 106 2.38 -10.14 12.69
C LYS B 106 2.91 -10.73 14.00
N GLN B 107 4.23 -10.92 14.09
CA GLN B 107 4.90 -11.58 15.25
C GLN B 107 5.11 -10.56 16.39
N THR B 108 5.02 -9.26 16.10
CA THR B 108 5.00 -8.17 17.11
C THR B 108 3.66 -8.23 17.86
N GLU B 109 2.55 -8.35 17.13
CA GLU B 109 1.18 -8.50 17.68
C GLU B 109 1.12 -9.75 18.56
N ASP B 110 1.69 -10.86 18.09
CA ASP B 110 1.77 -12.15 18.81
C ASP B 110 2.51 -11.94 20.14
N ARG B 111 3.70 -11.33 20.08
CA ARG B 111 4.57 -11.02 21.24
C ARG B 111 3.77 -10.24 22.29
N VAL B 112 2.99 -9.25 21.85
CA VAL B 112 2.14 -8.37 22.71
C VAL B 112 1.24 -9.24 23.59
N VAL B 113 0.43 -10.12 22.98
CA VAL B 113 -0.61 -10.94 23.67
C VAL B 113 0.06 -11.80 24.75
N LYS B 114 1.26 -12.33 24.47
CA LYS B 114 2.04 -13.20 25.38
C LYS B 114 2.45 -12.42 26.64
N MET B 115 2.79 -11.14 26.47
CA MET B 115 3.24 -10.25 27.57
C MET B 115 2.05 -9.86 28.45
N LEU B 116 0.87 -9.68 27.86
CA LEU B 116 -0.40 -9.38 28.57
C LEU B 116 -0.83 -10.59 29.41
N GLU B 117 -0.57 -11.80 28.91
CA GLU B 117 -0.82 -13.08 29.63
C GLU B 117 0.14 -13.18 30.82
N GLN B 118 1.43 -12.92 30.60
CA GLN B 118 2.51 -12.94 31.62
C GLN B 118 2.18 -11.94 32.74
N GLY B 119 1.78 -10.72 32.37
CA GLY B 119 1.43 -9.63 33.31
C GLY B 119 -0.07 -9.53 33.50
#